data_5LQC
#
_entry.id   5LQC
#
_cell.length_a   50.758
_cell.length_b   50.758
_cell.length_c   170.215
_cell.angle_alpha   90.000
_cell.angle_beta   90.000
_cell.angle_gamma   120.000
#
_symmetry.space_group_name_H-M   'P 32 2 1'
#
loop_
_entity.id
_entity.type
_entity.pdbx_description
1 polymer 'Catechol O-methyltransferase'
2 non-polymer N-[(E)-3-[(2R,3S,4R,5R)-3,4-dihydroxy-5-(6-methylaminopurin-9-yl)oxolan-2-yl]prop-2-enyl]-5-(4-fluorophenyl)-2,3-dihydroxy-benzamide
3 non-polymer 'MAGNESIUM ION'
4 water water
#
_entity_poly.entity_id   1
_entity_poly.type   'polypeptide(L)'
_entity_poly.pdbx_seq_one_letter_code
;MGDTKEQRILRYVQQNAKPGDPQSVLEAIDTYCTQKEWAMNVGDAKGQIMDAVIREYSPSLVLELGAYCGYSAVRMARLL
QPGARLLTMEMNPDYAAITQQMLNFAGLQDKVTILNGASQDLIPQLKKKYDVDTLDMVFLDHWKDRYLPDTLLLEKCGLL
RKGTVLLADNVIVPGTPDFLAYVRGSSSFECTHYSSYLEYMKVVDGLEKAIYQGPSSPDKS
;
_entity_poly.pdbx_strand_id   A
#
loop_
_chem_comp.id
_chem_comp.type
_chem_comp.name
_chem_comp.formula
542 non-polymer N-[(E)-3-[(2R,3S,4R,5R)-3,4-dihydroxy-5-(6-methylaminopurin-9-yl)oxolan-2-yl]prop-2-enyl]-5-(4-fluorophenyl)-2,3-dihydroxy-benzamide 'C26 H25 F N6 O6'
MG non-polymer 'MAGNESIUM ION' 'Mg 2'
#
# COMPACT_ATOMS: atom_id res chain seq x y z
N THR A 4 18.03 -9.36 -2.64
CA THR A 4 17.47 -8.02 -2.58
C THR A 4 16.85 -7.73 -1.22
N LYS A 5 16.73 -6.43 -0.91
CA LYS A 5 16.07 -6.02 0.32
C LYS A 5 14.69 -6.66 0.44
N GLU A 6 13.96 -6.78 -0.68
CA GLU A 6 12.61 -7.31 -0.64
C GLU A 6 12.58 -8.80 -0.41
N GLN A 7 13.59 -9.54 -0.90
CA GLN A 7 13.71 -10.95 -0.54
C GLN A 7 14.02 -11.12 0.94
N ARG A 8 14.92 -10.27 1.47
CA ARG A 8 15.24 -10.34 2.89
C ARG A 8 14.00 -10.20 3.73
N ILE A 9 13.14 -9.24 3.38
CA ILE A 9 11.89 -9.04 4.13
C ILE A 9 11.04 -10.31 4.10
N LEU A 10 10.83 -10.89 2.91
CA LEU A 10 9.98 -12.07 2.80
C LEU A 10 10.55 -13.22 3.63
N ARG A 11 11.86 -13.46 3.52
CA ARG A 11 12.50 -14.54 4.29
C ARG A 11 12.36 -14.30 5.78
N TYR A 12 12.49 -13.05 6.23
CA TYR A 12 12.35 -12.76 7.66
C TYR A 12 10.97 -13.16 8.15
N VAL A 13 9.94 -12.84 7.37
CA VAL A 13 8.58 -13.22 7.74
C VAL A 13 8.44 -14.74 7.78
N GLN A 14 9.01 -15.44 6.80
CA GLN A 14 8.87 -16.90 6.75
C GLN A 14 9.52 -17.56 7.95
N GLN A 15 10.58 -16.97 8.48
CA GLN A 15 11.26 -17.50 9.64
C GLN A 15 10.64 -17.07 10.97
N ASN A 16 9.91 -15.95 11.01
CA ASN A 16 9.49 -15.37 12.28
C ASN A 16 7.98 -15.26 12.48
N ALA A 17 7.20 -15.13 11.41
CA ALA A 17 5.76 -15.03 11.61
C ALA A 17 5.15 -16.41 11.77
N LYS A 18 3.88 -16.44 12.15
CA LYS A 18 3.12 -17.68 12.25
C LYS A 18 2.27 -17.85 11.00
N PRO A 19 2.37 -18.97 10.29
CA PRO A 19 1.64 -19.11 9.02
C PRO A 19 0.14 -18.97 9.21
N GLY A 20 -0.50 -18.28 8.25
CA GLY A 20 -1.93 -18.07 8.33
C GLY A 20 -2.37 -17.05 9.36
N ASP A 21 -1.45 -16.35 10.01
CA ASP A 21 -1.79 -15.31 10.96
C ASP A 21 -1.44 -13.93 10.36
N PRO A 22 -2.42 -13.20 9.81
CA PRO A 22 -2.07 -11.93 9.16
C PRO A 22 -1.50 -10.89 10.11
N GLN A 23 -2.00 -10.82 11.34
CA GLN A 23 -1.46 -9.88 12.34
C GLN A 23 0.02 -10.12 12.57
N SER A 24 0.44 -11.38 12.74
CA SER A 24 1.86 -11.63 13.01
C SER A 24 2.72 -11.30 11.80
N VAL A 25 2.20 -11.51 10.60
CA VAL A 25 2.95 -11.15 9.39
C VAL A 25 3.20 -9.64 9.37
N LEU A 26 2.19 -8.85 9.71
CA LEU A 26 2.33 -7.38 9.76
C LEU A 26 3.37 -6.95 10.77
N GLU A 27 3.36 -7.57 11.96
CA GLU A 27 4.32 -7.21 12.99
C GLU A 27 5.74 -7.58 12.58
N ALA A 28 5.91 -8.73 11.92
CA ALA A 28 7.23 -9.14 11.47
C ALA A 28 7.82 -8.14 10.48
N ILE A 29 7.03 -7.72 9.49
CA ILE A 29 7.49 -6.68 8.56
C ILE A 29 7.85 -5.42 9.32
N ASP A 30 6.99 -5.00 10.25
CA ASP A 30 7.20 -3.76 10.97
C ASP A 30 8.48 -3.79 11.79
N THR A 31 8.75 -4.90 12.48
CA THR A 31 9.99 -4.97 13.26
C THR A 31 11.22 -4.90 12.38
N TYR A 32 11.24 -5.68 11.29
CA TYR A 32 12.41 -5.72 10.43
C TYR A 32 12.71 -4.36 9.81
N CYS A 33 11.67 -3.59 9.46
CA CYS A 33 11.88 -2.29 8.83
C CYS A 33 12.15 -1.18 9.84
N THR A 34 11.90 -1.40 11.13
CA THR A 34 12.24 -0.43 12.16
C THR A 34 13.66 -0.58 12.66
N GLN A 35 14.24 -1.80 12.58
CA GLN A 35 15.51 -2.09 13.23
C GLN A 35 16.51 -2.83 12.33
N LYS A 36 16.33 -2.81 11.01
CA LYS A 36 17.31 -3.45 10.13
C LYS A 36 17.42 -2.81 8.73
N GLU A 37 16.30 -2.55 8.07
CA GLU A 37 16.31 -1.91 6.75
C GLU A 37 15.04 -1.10 6.56
N TRP A 38 15.16 0.20 6.32
CA TRP A 38 14.00 1.01 5.99
C TRP A 38 13.40 0.60 4.65
N ALA A 39 12.07 0.56 4.58
CA ALA A 39 11.38 0.25 3.33
C ALA A 39 10.05 1.00 3.28
N MET A 40 9.53 1.20 2.07
CA MET A 40 8.39 2.12 1.86
C MET A 40 7.03 1.45 2.07
N ASN A 41 6.86 0.75 3.18
CA ASN A 41 5.53 0.25 3.54
C ASN A 41 4.74 1.36 4.21
N VAL A 42 3.41 1.24 4.21
CA VAL A 42 2.62 2.30 4.85
C VAL A 42 2.93 2.40 6.35
N GLY A 43 3.26 1.28 7.00
CA GLY A 43 3.64 1.30 8.40
C GLY A 43 2.45 1.18 9.35
N ASP A 44 2.77 1.01 10.64
CA ASP A 44 1.71 0.71 11.59
C ASP A 44 0.84 1.92 11.95
N ALA A 45 1.41 3.13 11.98
CA ALA A 45 0.63 4.29 12.46
C ALA A 45 -0.39 4.73 11.43
N LYS A 46 0.02 4.92 10.18
CA LYS A 46 -0.99 5.15 9.15
C LYS A 46 -1.84 3.90 8.92
N GLY A 47 -1.25 2.71 9.16
CA GLY A 47 -1.99 1.46 8.99
C GLY A 47 -3.20 1.35 9.91
N GLN A 48 -3.08 1.86 11.13
CA GLN A 48 -4.24 1.90 12.02
C GLN A 48 -5.34 2.84 11.51
N ILE A 49 -4.97 3.94 10.84
CA ILE A 49 -5.99 4.78 10.22
C ILE A 49 -6.65 4.04 9.06
N MET A 50 -5.84 3.43 8.16
CA MET A 50 -6.39 2.55 7.15
C MET A 50 -7.41 1.58 7.72
N ASP A 51 -7.03 0.87 8.78
CA ASP A 51 -7.94 -0.11 9.39
C ASP A 51 -9.28 0.52 9.75
N ALA A 52 -9.25 1.69 10.39
CA ALA A 52 -10.50 2.30 10.85
C ALA A 52 -11.37 2.75 9.68
N VAL A 53 -10.75 3.20 8.59
CA VAL A 53 -11.52 3.60 7.41
C VAL A 53 -12.20 2.40 6.75
N ILE A 54 -11.46 1.29 6.59
CA ILE A 54 -12.02 0.07 6.00
C ILE A 54 -13.16 -0.48 6.86
N ARG A 55 -12.96 -0.53 8.18
CA ARG A 55 -14.01 -0.98 9.07
C ARG A 55 -15.26 -0.13 8.94
N GLU A 56 -15.10 1.17 8.67
CA GLU A 56 -16.28 2.02 8.59
C GLU A 56 -17.09 1.73 7.33
N TYR A 57 -16.42 1.58 6.18
CA TYR A 57 -17.10 1.47 4.89
C TYR A 57 -17.41 0.05 4.42
N SER A 58 -16.79 -0.96 5.02
CA SER A 58 -16.96 -2.38 4.67
C SER A 58 -17.01 -2.62 3.15
N PRO A 59 -15.98 -2.23 2.42
CA PRO A 59 -16.06 -2.29 0.96
C PRO A 59 -16.13 -3.73 0.47
N SER A 60 -16.91 -3.95 -0.58
CA SER A 60 -16.97 -5.27 -1.22
C SER A 60 -15.85 -5.46 -2.22
N LEU A 61 -15.37 -4.40 -2.86
CA LEU A 61 -14.34 -4.50 -3.89
C LEU A 61 -13.36 -3.34 -3.74
N VAL A 62 -12.10 -3.66 -3.48
CA VAL A 62 -11.05 -2.66 -3.26
C VAL A 62 -10.00 -2.80 -4.35
N LEU A 63 -9.56 -1.65 -4.90
CA LEU A 63 -8.42 -1.61 -5.82
C LEU A 63 -7.24 -0.93 -5.12
N GLU A 64 -6.09 -1.59 -5.15
CA GLU A 64 -4.86 -1.07 -4.58
C GLU A 64 -3.86 -0.78 -5.70
N LEU A 65 -3.28 0.42 -5.68
CA LEU A 65 -2.32 0.84 -6.69
C LEU A 65 -0.92 0.81 -6.07
N GLY A 66 -0.11 -0.17 -6.48
CA GLY A 66 1.24 -0.33 -5.97
C GLY A 66 1.35 -1.27 -4.77
N ALA A 67 1.56 -2.56 -5.02
CA ALA A 67 1.57 -3.53 -3.93
C ALA A 67 2.91 -3.61 -3.22
N TYR A 68 4.01 -3.40 -3.94
CA TYR A 68 5.35 -3.49 -3.37
C TYR A 68 5.57 -4.87 -2.74
N CYS A 69 5.73 -4.95 -1.42
CA CYS A 69 5.97 -6.23 -0.75
C CYS A 69 4.69 -6.89 -0.22
N GLY A 70 3.54 -6.24 -0.34
CA GLY A 70 2.29 -6.80 0.11
C GLY A 70 1.84 -6.36 1.48
N TYR A 71 2.59 -5.46 2.14
CA TYR A 71 2.24 -5.02 3.49
C TYR A 71 0.81 -4.50 3.55
N SER A 72 0.44 -3.59 2.65
CA SER A 72 -0.92 -3.06 2.77
C SER A 72 -1.96 -4.01 2.19
N ALA A 73 -1.58 -4.93 1.28
CA ALA A 73 -2.53 -5.95 0.84
C ALA A 73 -2.95 -6.85 2.00
N VAL A 74 -1.99 -7.24 2.84
CA VAL A 74 -2.30 -8.05 4.01
C VAL A 74 -3.13 -7.25 5.00
N ARG A 75 -2.75 -5.99 5.22
CA ARG A 75 -3.46 -5.15 6.18
C ARG A 75 -4.94 -5.02 5.79
N MET A 76 -5.21 -4.78 4.51
CA MET A 76 -6.60 -4.61 4.04
C MET A 76 -7.35 -5.95 3.92
N ALA A 77 -6.71 -7.00 3.37
CA ALA A 77 -7.44 -8.27 3.13
C ALA A 77 -7.95 -8.89 4.41
N ARG A 78 -7.15 -8.85 5.48
CA ARG A 78 -7.55 -9.46 6.75
C ARG A 78 -8.82 -8.82 7.31
N LEU A 79 -9.19 -7.62 6.86
CA LEU A 79 -10.36 -6.91 7.38
C LEU A 79 -11.57 -7.00 6.45
N LEU A 80 -11.46 -7.69 5.33
CA LEU A 80 -12.56 -7.82 4.40
C LEU A 80 -13.55 -8.87 4.89
N GLN A 81 -14.82 -8.65 4.59
CA GLN A 81 -15.89 -9.57 4.96
C GLN A 81 -15.88 -10.78 4.02
N PRO A 82 -16.59 -11.86 4.37
CA PRO A 82 -16.64 -13.03 3.49
C PRO A 82 -17.16 -12.65 2.11
N GLY A 83 -16.42 -13.08 1.09
CA GLY A 83 -16.78 -12.80 -0.27
C GLY A 83 -16.18 -11.53 -0.86
N ALA A 84 -15.77 -10.58 -0.01
CA ALA A 84 -15.16 -9.35 -0.51
C ALA A 84 -13.86 -9.66 -1.25
N ARG A 85 -13.47 -8.77 -2.16
CA ARG A 85 -12.31 -8.97 -3.00
C ARG A 85 -11.42 -7.74 -2.97
N LEU A 86 -10.11 -7.98 -3.07
CA LEU A 86 -9.11 -6.94 -3.30
C LEU A 86 -8.36 -7.27 -4.57
N LEU A 87 -8.17 -6.27 -5.43
CA LEU A 87 -7.31 -6.35 -6.59
C LEU A 87 -6.15 -5.40 -6.39
N THR A 88 -4.92 -5.88 -6.63
CA THR A 88 -3.77 -5.03 -6.40
C THR A 88 -2.85 -5.07 -7.62
N MET A 89 -2.48 -3.87 -8.09
CA MET A 89 -1.69 -3.70 -9.31
C MET A 89 -0.22 -3.45 -8.95
N GLU A 90 0.67 -4.19 -9.59
CA GLU A 90 2.11 -4.07 -9.33
C GLU A 90 2.86 -4.30 -10.62
N MET A 91 3.64 -3.30 -11.07
CA MET A 91 4.29 -3.41 -12.36
C MET A 91 5.64 -4.12 -12.32
N ASN A 92 6.27 -4.22 -11.16
CA ASN A 92 7.55 -4.91 -11.03
C ASN A 92 7.33 -6.41 -10.84
N PRO A 93 7.79 -7.27 -11.76
CA PRO A 93 7.61 -8.73 -11.57
C PRO A 93 8.23 -9.27 -10.29
N ASP A 94 9.41 -8.79 -9.90
CA ASP A 94 10.02 -9.24 -8.65
C ASP A 94 9.10 -8.95 -7.48
N TYR A 95 8.59 -7.73 -7.40
CA TYR A 95 7.77 -7.31 -6.26
C TYR A 95 6.44 -8.05 -6.23
N ALA A 96 5.83 -8.30 -7.39
CA ALA A 96 4.53 -8.96 -7.42
C ALA A 96 4.65 -10.39 -6.94
N ALA A 97 5.76 -11.06 -7.26
CA ALA A 97 5.96 -12.41 -6.78
C ALA A 97 6.12 -12.44 -5.27
N ILE A 98 6.77 -11.41 -4.70
CA ILE A 98 6.92 -11.31 -3.25
C ILE A 98 5.56 -11.09 -2.59
N THR A 99 4.77 -10.16 -3.13
CA THR A 99 3.43 -9.90 -2.61
C THR A 99 2.59 -11.17 -2.60
N GLN A 100 2.71 -11.99 -3.65
CA GLN A 100 1.93 -13.22 -3.71
C GLN A 100 2.34 -14.20 -2.63
N GLN A 101 3.65 -14.35 -2.40
CA GLN A 101 4.13 -15.21 -1.33
C GLN A 101 3.76 -14.68 0.03
N MET A 102 3.73 -13.36 0.20
CA MET A 102 3.29 -12.77 1.47
C MET A 102 1.86 -13.14 1.80
N LEU A 103 0.95 -12.92 0.84
CA LEU A 103 -0.45 -13.26 1.04
C LEU A 103 -0.64 -14.77 1.19
N ASN A 104 0.07 -15.56 0.38
CA ASN A 104 0.04 -17.02 0.54
C ASN A 104 0.37 -17.41 1.98
N PHE A 105 1.47 -16.88 2.51
CA PHE A 105 1.87 -17.16 3.88
C PHE A 105 0.80 -16.72 4.87
N ALA A 106 0.19 -15.56 4.63
CA ALA A 106 -0.86 -15.06 5.52
C ALA A 106 -2.16 -15.85 5.42
N GLY A 107 -2.33 -16.68 4.40
CA GLY A 107 -3.60 -17.37 4.25
C GLY A 107 -4.67 -16.53 3.62
N LEU A 108 -4.31 -15.36 3.11
CA LEU A 108 -5.26 -14.43 2.52
C LEU A 108 -5.32 -14.54 1.00
N GLN A 109 -4.67 -15.56 0.42
CA GLN A 109 -4.53 -15.60 -1.03
C GLN A 109 -5.88 -15.70 -1.74
N ASP A 110 -6.90 -16.24 -1.08
CA ASP A 110 -8.15 -16.47 -1.78
C ASP A 110 -8.94 -15.19 -2.00
N LYS A 111 -8.68 -14.15 -1.21
CA LYS A 111 -9.38 -12.88 -1.35
C LYS A 111 -8.68 -11.89 -2.26
N VAL A 112 -7.42 -12.12 -2.64
CA VAL A 112 -6.62 -11.12 -3.34
C VAL A 112 -6.29 -11.62 -4.75
N THR A 113 -6.34 -10.70 -5.71
CA THR A 113 -5.92 -10.99 -7.07
C THR A 113 -4.85 -9.97 -7.47
N ILE A 114 -3.64 -10.46 -7.71
CA ILE A 114 -2.54 -9.59 -8.12
C ILE A 114 -2.58 -9.42 -9.62
N LEU A 115 -2.49 -8.16 -10.06
CA LEU A 115 -2.47 -7.80 -11.47
C LEU A 115 -1.07 -7.31 -11.82
N ASN A 116 -0.40 -8.04 -12.72
CA ASN A 116 0.99 -7.75 -13.10
C ASN A 116 1.03 -6.78 -14.27
N GLY A 117 1.26 -5.51 -13.98
CA GLY A 117 1.47 -4.53 -15.02
C GLY A 117 1.31 -3.12 -14.49
N ALA A 118 1.32 -2.18 -15.43
CA ALA A 118 1.24 -0.75 -15.12
C ALA A 118 -0.22 -0.32 -15.00
N SER A 119 -0.54 0.45 -13.95
CA SER A 119 -1.91 0.93 -13.74
C SER A 119 -2.51 1.54 -14.99
N GLN A 120 -1.74 2.34 -15.74
CA GLN A 120 -2.35 3.03 -16.86
C GLN A 120 -2.75 2.05 -17.97
N ASP A 121 -2.05 0.91 -18.06
CA ASP A 121 -2.41 -0.13 -19.01
C ASP A 121 -3.57 -1.00 -18.51
N LEU A 122 -3.62 -1.29 -17.19
CA LEU A 122 -4.55 -2.28 -16.64
C LEU A 122 -5.91 -1.70 -16.26
N ILE A 123 -5.96 -0.46 -15.77
CA ILE A 123 -7.20 0.20 -15.36
C ILE A 123 -8.26 0.14 -16.47
N PRO A 124 -7.92 0.35 -17.76
CA PRO A 124 -8.98 0.25 -18.79
C PRO A 124 -9.43 -1.19 -19.08
N GLN A 125 -8.74 -2.21 -18.60
CA GLN A 125 -9.10 -3.61 -18.85
C GLN A 125 -9.84 -4.24 -17.66
N LEU A 126 -10.14 -3.44 -16.64
CA LEU A 126 -10.64 -3.99 -15.37
C LEU A 126 -12.00 -4.64 -15.53
N LYS A 127 -12.96 -3.90 -16.10
CA LYS A 127 -14.30 -4.44 -16.23
C LYS A 127 -14.32 -5.71 -17.09
N LYS A 128 -13.68 -5.64 -18.26
CA LYS A 128 -13.76 -6.73 -19.23
C LYS A 128 -13.03 -7.99 -18.75
N LYS A 129 -11.80 -7.84 -18.23
CA LYS A 129 -10.99 -8.98 -17.88
C LYS A 129 -11.20 -9.46 -16.45
N TYR A 130 -11.76 -8.60 -15.57
CA TYR A 130 -11.87 -8.97 -14.16
C TYR A 130 -13.28 -8.82 -13.62
N ASP A 131 -14.28 -8.65 -14.48
CA ASP A 131 -15.69 -8.68 -14.09
C ASP A 131 -16.01 -7.64 -13.01
N VAL A 132 -15.54 -6.43 -13.24
CA VAL A 132 -15.71 -5.32 -12.32
C VAL A 132 -16.79 -4.41 -12.87
N ASP A 133 -17.66 -3.92 -11.99
CA ASP A 133 -18.59 -2.84 -12.35
C ASP A 133 -18.05 -1.50 -11.87
N THR A 134 -18.22 -1.19 -10.58
CA THR A 134 -17.57 -0.02 -10.00
C THR A 134 -16.85 -0.41 -8.72
N LEU A 135 -15.83 0.37 -8.38
CA LEU A 135 -15.02 0.13 -7.20
C LEU A 135 -15.70 0.74 -5.98
N ASP A 136 -15.61 0.06 -4.84
CA ASP A 136 -16.07 0.64 -3.60
C ASP A 136 -15.00 1.50 -2.92
N MET A 137 -13.74 1.14 -3.10
CA MET A 137 -12.63 1.82 -2.44
C MET A 137 -11.36 1.64 -3.26
N VAL A 138 -10.52 2.67 -3.28
CA VAL A 138 -9.26 2.68 -4.02
C VAL A 138 -8.17 3.17 -3.08
N PHE A 139 -7.07 2.41 -2.97
CA PHE A 139 -5.93 2.83 -2.14
C PHE A 139 -4.76 3.18 -3.04
N LEU A 140 -4.31 4.44 -2.97
CA LEU A 140 -3.25 4.96 -3.84
C LEU A 140 -1.93 5.02 -3.08
N ASP A 141 -0.93 4.24 -3.55
CA ASP A 141 0.37 4.24 -2.89
C ASP A 141 1.48 3.91 -3.90
N HIS A 142 1.33 4.29 -5.18
CA HIS A 142 2.37 4.04 -6.16
C HIS A 142 3.21 5.29 -6.45
N TRP A 143 3.76 5.43 -7.66
CA TRP A 143 4.56 6.62 -7.93
CA TRP A 143 4.54 6.62 -8.00
C TRP A 143 3.70 7.86 -7.74
N LYS A 144 4.28 8.85 -7.02
CA LYS A 144 3.47 9.96 -6.51
C LYS A 144 2.95 10.86 -7.63
N ASP A 145 3.67 10.94 -8.76
CA ASP A 145 3.17 11.78 -9.86
C ASP A 145 2.08 11.09 -10.70
N ARG A 146 1.67 9.87 -10.34
CA ARG A 146 0.64 9.16 -11.09
C ARG A 146 -0.69 9.10 -10.35
N TYR A 147 -0.80 9.65 -9.13
CA TYR A 147 -2.09 9.65 -8.42
C TYR A 147 -3.15 10.42 -9.20
N LEU A 148 -2.85 11.68 -9.58
CA LEU A 148 -3.83 12.47 -10.33
C LEU A 148 -4.11 11.85 -11.70
N PRO A 149 -3.13 11.52 -12.53
CA PRO A 149 -3.45 10.88 -13.82
C PRO A 149 -4.34 9.64 -13.70
N ASP A 150 -4.04 8.72 -12.78
CA ASP A 150 -4.87 7.53 -12.59
C ASP A 150 -6.26 7.85 -12.03
N THR A 151 -6.41 8.90 -11.22
CA THR A 151 -7.75 9.28 -10.74
C THR A 151 -8.62 9.74 -11.91
N LEU A 152 -8.07 10.59 -12.79
CA LEU A 152 -8.78 11.01 -13.98
C LEU A 152 -9.08 9.82 -14.89
N LEU A 153 -8.17 8.85 -14.94
CA LEU A 153 -8.38 7.67 -15.77
C LEU A 153 -9.49 6.77 -15.22
N LEU A 154 -9.55 6.62 -13.89
CA LEU A 154 -10.61 5.81 -13.29
C LEU A 154 -11.97 6.44 -13.53
N GLU A 155 -12.05 7.77 -13.46
CA GLU A 155 -13.30 8.46 -13.75
C GLU A 155 -13.70 8.26 -15.21
N LYS A 156 -12.73 8.37 -16.13
CA LYS A 156 -13.05 8.26 -17.55
C LYS A 156 -13.58 6.88 -17.90
N CYS A 157 -13.03 5.83 -17.26
CA CYS A 157 -13.39 4.43 -17.48
C CYS A 157 -14.64 4.00 -16.73
N GLY A 158 -15.31 4.91 -16.03
CA GLY A 158 -16.55 4.56 -15.35
C GLY A 158 -16.40 3.68 -14.13
N LEU A 159 -15.22 3.62 -13.53
CA LEU A 159 -14.99 2.77 -12.36
C LEU A 159 -15.40 3.41 -11.03
N LEU A 160 -15.71 4.72 -11.00
CA LEU A 160 -16.16 5.39 -9.78
C LEU A 160 -17.67 5.50 -9.77
N ARG A 161 -18.25 5.33 -8.59
CA ARG A 161 -19.65 5.60 -8.33
C ARG A 161 -19.73 6.63 -7.21
N LYS A 162 -20.89 7.25 -7.04
CA LYS A 162 -21.07 8.13 -5.90
C LYS A 162 -20.87 7.33 -4.61
N GLY A 163 -19.98 7.81 -3.73
CA GLY A 163 -19.63 7.09 -2.52
C GLY A 163 -18.36 6.27 -2.62
N THR A 164 -17.78 6.11 -3.81
CA THR A 164 -16.49 5.45 -3.91
C THR A 164 -15.45 6.21 -3.08
N VAL A 165 -14.75 5.49 -2.21
CA VAL A 165 -13.79 6.07 -1.28
C VAL A 165 -12.39 5.95 -1.86
N LEU A 166 -11.75 7.08 -2.21
CA LEU A 166 -10.31 7.09 -2.49
C LEU A 166 -9.55 7.39 -1.21
N LEU A 167 -8.45 6.68 -1.00
CA LEU A 167 -7.61 6.89 0.19
C LEU A 167 -6.16 6.90 -0.26
N ALA A 168 -5.43 7.99 0.02
CA ALA A 168 -4.13 8.21 -0.60
C ALA A 168 -3.04 8.38 0.45
N ASP A 169 -1.95 7.63 0.31
CA ASP A 169 -0.80 7.71 1.21
C ASP A 169 0.14 8.81 0.75
N ASN A 170 0.95 9.33 1.68
CA ASN A 170 2.07 10.22 1.36
C ASN A 170 1.64 11.55 0.74
N VAL A 171 0.46 12.06 1.10
CA VAL A 171 0.02 13.30 0.47
C VAL A 171 0.85 14.48 0.97
N ILE A 172 1.55 14.35 2.10
CA ILE A 172 2.47 15.38 2.60
C ILE A 172 3.93 15.02 2.25
N VAL A 173 4.36 13.81 2.58
CA VAL A 173 5.75 13.40 2.36
C VAL A 173 5.78 12.00 1.74
N PRO A 174 6.39 11.81 0.55
CA PRO A 174 7.08 12.83 -0.26
C PRO A 174 6.15 13.88 -0.92
N GLY A 175 4.83 13.65 -0.88
CA GLY A 175 3.89 14.67 -1.32
C GLY A 175 3.30 14.41 -2.68
N THR A 176 2.03 14.77 -2.85
CA THR A 176 1.31 14.58 -4.11
C THR A 176 0.56 15.87 -4.38
N PRO A 177 1.29 16.96 -4.59
CA PRO A 177 0.66 18.29 -4.53
C PRO A 177 -0.37 18.52 -5.62
N ASP A 178 -0.14 18.03 -6.86
CA ASP A 178 -1.16 18.23 -7.88
C ASP A 178 -2.44 17.44 -7.56
N PHE A 179 -2.31 16.18 -7.13
CA PHE A 179 -3.47 15.40 -6.73
C PHE A 179 -4.24 16.06 -5.59
N LEU A 180 -3.54 16.48 -4.56
CA LEU A 180 -4.21 17.06 -3.40
C LEU A 180 -4.95 18.36 -3.75
N ALA A 181 -4.31 19.27 -4.51
CA ALA A 181 -5.02 20.47 -4.96
C ALA A 181 -6.25 20.13 -5.80
N TYR A 182 -6.15 19.14 -6.69
CA TYR A 182 -7.27 18.83 -7.57
C TYR A 182 -8.49 18.35 -6.77
N VAL A 183 -8.31 17.34 -5.91
CA VAL A 183 -9.46 16.76 -5.22
C VAL A 183 -10.04 17.75 -4.22
N ARG A 184 -9.18 18.54 -3.58
CA ARG A 184 -9.69 19.53 -2.61
C ARG A 184 -10.42 20.67 -3.30
N GLY A 185 -10.08 20.99 -4.57
CA GLY A 185 -10.79 22.05 -5.25
C GLY A 185 -12.00 21.61 -6.06
N SER A 186 -12.20 20.31 -6.22
CA SER A 186 -13.22 19.80 -7.12
C SER A 186 -14.53 19.56 -6.36
N SER A 187 -15.64 19.99 -6.95
CA SER A 187 -16.94 19.64 -6.39
C SER A 187 -17.27 18.15 -6.54
N SER A 188 -16.50 17.40 -7.32
CA SER A 188 -16.76 15.98 -7.46
C SER A 188 -16.17 15.12 -6.33
N PHE A 189 -15.46 15.73 -5.39
CA PHE A 189 -14.82 14.98 -4.30
C PHE A 189 -15.05 15.72 -2.99
N GLU A 190 -15.46 15.00 -1.95
CA GLU A 190 -15.46 15.50 -0.57
C GLU A 190 -14.25 14.93 0.15
N CYS A 191 -13.38 15.80 0.68
CA CYS A 191 -12.09 15.38 1.22
C CYS A 191 -11.99 15.53 2.75
N THR A 192 -11.18 14.67 3.35
CA THR A 192 -10.88 14.66 4.78
C THR A 192 -9.42 14.28 4.96
N HIS A 193 -8.70 15.03 5.81
CA HIS A 193 -7.28 14.80 6.04
C HIS A 193 -7.06 14.15 7.40
N TYR A 194 -6.27 13.05 7.43
CA TYR A 194 -5.90 12.30 8.65
C TYR A 194 -4.39 12.46 8.87
N SER A 195 -4.01 13.30 9.83
CA SER A 195 -2.59 13.59 10.03
C SER A 195 -1.91 12.46 10.78
N SER A 196 -0.71 12.08 10.35
CA SER A 196 0.03 11.03 11.05
C SER A 196 1.53 11.28 10.95
N TYR A 197 2.31 10.21 10.82
CA TYR A 197 3.77 10.27 10.81
C TYR A 197 4.32 9.27 9.80
N LEU A 198 5.37 9.68 9.11
CA LEU A 198 6.06 8.81 8.17
C LEU A 198 6.56 7.55 8.88
N GLU A 199 6.49 6.43 8.18
CA GLU A 199 6.84 5.12 8.72
C GLU A 199 8.32 5.02 9.07
N TYR A 200 8.60 4.42 10.23
CA TYR A 200 9.95 4.00 10.64
C TYR A 200 10.98 5.10 10.45
N MET A 201 10.89 6.13 11.29
CA MET A 201 11.72 7.31 11.02
C MET A 201 12.54 7.73 12.23
N LYS A 202 13.05 6.77 13.00
CA LYS A 202 14.01 7.08 14.07
C LYS A 202 15.41 6.86 13.50
N VAL A 203 15.88 7.86 12.77
CA VAL A 203 17.06 7.68 11.93
C VAL A 203 18.32 7.65 12.78
N VAL A 204 19.07 6.56 12.67
CA VAL A 204 20.28 6.37 13.47
C VAL A 204 21.45 7.12 12.87
N ASP A 205 22.16 7.88 13.70
CA ASP A 205 23.37 8.59 13.33
C ASP A 205 24.31 8.57 14.54
N GLY A 206 25.50 9.11 14.40
CA GLY A 206 26.38 9.10 15.56
C GLY A 206 27.52 10.08 15.40
N LEU A 207 28.24 10.29 16.49
CA LEU A 207 29.46 11.09 16.49
C LEU A 207 30.65 10.16 16.57
N GLU A 208 31.74 10.52 15.89
CA GLU A 208 33.01 9.80 16.03
C GLU A 208 33.99 10.71 16.74
N LYS A 209 34.65 10.15 17.75
CA LYS A 209 35.76 10.81 18.43
C LYS A 209 37.05 10.17 17.93
N ALA A 210 37.94 10.99 17.36
CA ALA A 210 39.23 10.53 16.87
C ALA A 210 40.34 11.38 17.50
N ILE A 211 41.14 10.75 18.36
CA ILE A 211 42.17 11.44 19.13
C ILE A 211 43.52 11.29 18.44
N TYR A 212 44.13 12.41 18.08
CA TYR A 212 45.40 12.36 17.37
C TYR A 212 46.50 11.87 18.29
N GLN A 213 47.33 10.97 17.75
CA GLN A 213 48.38 10.29 18.50
C GLN A 213 49.78 10.78 18.18
N GLY A 214 49.92 11.66 17.19
CA GLY A 214 51.22 12.13 16.79
C GLY A 214 51.66 11.53 15.47
N PRO A 215 52.82 11.98 14.97
CA PRO A 215 53.33 11.49 13.68
C PRO A 215 53.39 9.96 13.55
N SER A 216 53.80 9.26 14.61
CA SER A 216 53.80 7.79 14.60
C SER A 216 53.56 7.25 16.01
F30 542 B . 12.76 10.04 2.48
C29 542 B . 11.67 9.31 2.03
C26 542 B . 11.46 9.18 0.67
C25 542 B . 10.36 8.44 0.24
C28 542 B . 10.83 8.74 2.97
C27 542 B . 9.72 8.00 2.53
C24 542 B . 9.48 7.85 1.17
C22 542 B . 8.32 7.08 0.69
C21 542 B . 8.29 6.77 -0.69
C23 542 B . 7.27 6.67 1.56
C33 542 B . 6.20 5.94 1.00
O34 542 B . 5.13 5.50 1.76
C31 542 B . 6.17 5.65 -0.34
O32 542 B . 5.07 4.95 -0.78
C20 542 B . 7.22 6.06 -1.21
C18 542 B . 7.27 5.79 -2.63
O19 542 B . 7.96 6.47 -3.40
N17 542 B . 6.40 4.85 -3.15
C16 542 B . 6.38 4.45 -4.56
C15 542 B . 5.80 3.06 -4.62
C14 542 B . 6.07 2.26 -5.68
C6 542 B . 5.51 0.88 -5.79
C4 542 B . 6.58 -0.08 -6.34
O5 542 B . 6.25 -1.38 -5.80
C2 542 B . 6.33 0.00 -7.85
O3 542 B . 6.82 -1.14 -8.57
O13 542 B . 4.43 0.81 -6.75
C1 542 B . 4.81 0.04 -7.93
N10 542 B . 4.25 0.94 -8.97
C9 542 B . 4.62 2.30 -9.21
C11 542 B . 3.24 0.71 -9.90
N40 542 B . 2.57 -0.43 -10.07
C39 542 B . 1.67 -0.37 -11.02
N38 542 B . 1.40 0.72 -11.80
C35 542 B . 2.08 1.82 -11.62
C12 542 B . 3.06 1.87 -10.63
N8 542 B . 3.93 2.84 -10.18
N7 542 B . 1.80 2.93 -12.44
C36 542 B . 2.57 4.20 -12.43
MG MG C . 3.57 5.06 0.81
#